data_8CRK
#
_entry.id   8CRK
#
_cell.length_a   36.524
_cell.length_b   36.524
_cell.length_c   141.988
_cell.angle_alpha   90.00
_cell.angle_beta   90.00
_cell.angle_gamma   90.00
#
_symmetry.space_group_name_H-M   'P 43 21 2'
#
loop_
_entity.id
_entity.type
_entity.pdbx_description
1 polymer 'Host translation inhibitor nsp1'
2 non-polymer (1~{R})-1-(4-chlorophenyl)ethanamine
3 water water
#
_entity_poly.entity_id   1
_entity_poly.type   'polypeptide(L)'
_entity_poly.pdbx_seq_one_letter_code
;MEKTHVQLSLPVLQVRDVLVRGFGDSVEEVLSEARQHLKDGTCGLVEVEKGVLPQLEQPYVFIKRSDARTAPHGHVMVEL
VAELEGIQYGRSGETLGVLVPHVGEIPVAYRKVLLRKN
;
_entity_poly.pdbx_strand_id   B
#
loop_
_chem_comp.id
_chem_comp.type
_chem_comp.name
_chem_comp.formula
OG3 non-polymer (1~{R})-1-(4-chlorophenyl)ethanamine 'C8 H10 Cl N'
#
# COMPACT_ATOMS: atom_id res chain seq x y z
N MET A 1 -11.03 8.95 17.83
CA MET A 1 -10.04 9.68 17.05
C MET A 1 -9.00 8.76 16.47
N GLU A 2 -8.38 9.21 15.38
CA GLU A 2 -7.34 8.45 14.72
C GLU A 2 -6.02 8.57 15.49
N LYS A 3 -5.42 7.42 15.81
CA LYS A 3 -4.08 7.36 16.35
C LYS A 3 -3.06 7.60 15.24
N THR A 4 -1.81 7.83 15.63
CA THR A 4 -0.79 8.13 14.63
C THR A 4 -0.52 6.93 13.75
N HIS A 5 -0.74 5.72 14.27
CA HIS A 5 -0.51 4.48 13.57
C HIS A 5 -1.67 3.55 13.86
N VAL A 6 -2.02 2.72 12.87
CA VAL A 6 -3.07 1.74 13.03
C VAL A 6 -2.57 0.39 12.53
N GLN A 7 -2.89 -0.66 13.29
CA GLN A 7 -2.54 -2.00 12.89
C GLN A 7 -3.56 -2.49 11.87
N LEU A 8 -3.06 -2.97 10.75
CA LEU A 8 -3.91 -3.52 9.72
C LEU A 8 -3.34 -4.84 9.23
N SER A 9 -4.22 -5.72 8.76
CA SER A 9 -3.80 -6.93 8.08
CA SER A 9 -3.82 -6.94 8.08
C SER A 9 -4.30 -6.82 6.63
N LEU A 10 -3.35 -6.70 5.70
CA LEU A 10 -3.69 -6.43 4.32
C LEU A 10 -3.68 -7.71 3.53
N PRO A 11 -4.70 -7.95 2.72
CA PRO A 11 -4.65 -9.11 1.83
C PRO A 11 -3.61 -8.90 0.74
N VAL A 12 -2.76 -9.91 0.55
CA VAL A 12 -1.72 -9.89 -0.48
C VAL A 12 -2.28 -10.56 -1.72
N LEU A 13 -2.29 -9.82 -2.82
CA LEU A 13 -2.94 -10.26 -4.04
C LEU A 13 -1.89 -10.54 -5.10
N GLN A 14 -2.15 -11.53 -5.92
CA GLN A 14 -1.33 -11.74 -7.09
C GLN A 14 -1.75 -10.74 -8.15
N VAL A 15 -0.75 -10.19 -8.84
CA VAL A 15 -1.01 -9.08 -9.73
C VAL A 15 -2.04 -9.44 -10.79
N ARG A 16 -1.99 -10.66 -11.33
CA ARG A 16 -2.92 -10.99 -12.42
C ARG A 16 -4.36 -11.13 -11.96
N ASP A 17 -4.61 -11.23 -10.65
CA ASP A 17 -5.96 -11.28 -10.13
C ASP A 17 -6.55 -9.91 -9.90
N VAL A 18 -5.73 -8.86 -9.83
CA VAL A 18 -6.22 -7.56 -9.39
C VAL A 18 -7.16 -6.98 -10.44
N LEU A 19 -8.35 -6.58 -10.00
CA LEU A 19 -9.33 -6.04 -10.92
C LEU A 19 -9.19 -4.54 -11.13
N VAL A 20 -8.85 -3.79 -10.11
CA VAL A 20 -8.72 -2.34 -10.17
C VAL A 20 -7.25 -2.06 -9.85
N ARG A 21 -6.49 -1.64 -10.88
CA ARG A 21 -5.04 -1.73 -10.81
C ARG A 21 -4.35 -0.49 -10.32
N GLY A 22 -5.09 0.44 -9.73
CA GLY A 22 -4.53 1.62 -9.11
C GLY A 22 -5.64 2.40 -8.45
N PHE A 23 -5.26 3.51 -7.83
CA PHE A 23 -6.18 4.30 -7.05
C PHE A 23 -6.61 5.58 -7.73
N GLY A 24 -6.08 5.89 -8.89
CA GLY A 24 -6.43 7.16 -9.46
C GLY A 24 -5.32 7.70 -10.36
N ASP A 25 -5.43 9.00 -10.64
CA ASP A 25 -4.79 9.60 -11.80
C ASP A 25 -3.78 10.69 -11.47
N SER A 26 -3.56 10.98 -10.21
CA SER A 26 -2.55 11.93 -9.79
C SER A 26 -1.99 11.45 -8.47
N VAL A 27 -0.84 11.98 -8.11
CA VAL A 27 -0.20 11.57 -6.88
C VAL A 27 -1.10 11.86 -5.69
N GLU A 28 -1.66 13.05 -5.65
CA GLU A 28 -2.48 13.41 -4.50
C GLU A 28 -3.71 12.53 -4.42
N GLU A 29 -4.30 12.22 -5.57
CA GLU A 29 -5.48 11.38 -5.56
C GLU A 29 -5.15 9.95 -5.11
N VAL A 30 -4.06 9.37 -5.61
CA VAL A 30 -3.80 7.99 -5.26
C VAL A 30 -3.50 7.85 -3.78
N LEU A 31 -2.79 8.82 -3.21
CA LEU A 31 -2.52 8.78 -1.79
C LEU A 31 -3.81 8.92 -1.01
N SER A 32 -4.68 9.84 -1.43
CA SER A 32 -5.94 10.04 -0.74
CA SER A 32 -5.95 10.05 -0.74
C SER A 32 -6.80 8.79 -0.78
N GLU A 33 -6.96 8.23 -1.96
CA GLU A 33 -7.80 7.06 -2.10
C GLU A 33 -7.21 5.86 -1.38
N ALA A 34 -5.89 5.68 -1.46
CA ALA A 34 -5.29 4.58 -0.72
C ALA A 34 -5.61 4.69 0.75
N ARG A 35 -5.44 5.89 1.31
CA ARG A 35 -5.70 6.07 2.73
CA ARG A 35 -5.70 6.08 2.73
C ARG A 35 -7.15 5.76 3.08
N GLN A 36 -8.08 6.18 2.22
CA GLN A 36 -9.49 5.87 2.46
CA GLN A 36 -9.48 5.87 2.49
C GLN A 36 -9.74 4.37 2.42
N HIS A 37 -9.22 3.69 1.40
CA HIS A 37 -9.43 2.25 1.32
C HIS A 37 -8.77 1.54 2.49
N LEU A 38 -7.65 2.04 2.97
CA LEU A 38 -7.03 1.43 4.14
C LEU A 38 -7.94 1.57 5.35
N LYS A 39 -8.55 2.75 5.53
CA LYS A 39 -9.47 2.90 6.67
C LYS A 39 -10.71 2.03 6.52
N ASP A 40 -11.16 1.78 5.30
CA ASP A 40 -12.37 1.00 5.06
C ASP A 40 -12.14 -0.50 5.01
N GLY A 41 -10.89 -0.95 5.06
CA GLY A 41 -10.62 -2.37 4.94
C GLY A 41 -10.79 -2.88 3.53
N THR A 42 -10.58 -2.03 2.54
CA THR A 42 -10.75 -2.41 1.15
C THR A 42 -9.49 -2.13 0.35
N CYS A 43 -8.33 -2.39 0.94
CA CYS A 43 -7.04 -2.18 0.30
C CYS A 43 -6.23 -3.47 0.32
N GLY A 44 -5.70 -3.84 -0.84
CA GLY A 44 -4.82 -4.96 -0.96
C GLY A 44 -3.38 -4.52 -1.19
N LEU A 45 -2.51 -5.52 -1.22
CA LEU A 45 -1.08 -5.31 -1.36
C LEU A 45 -0.58 -6.28 -2.41
N VAL A 46 0.20 -5.79 -3.37
CA VAL A 46 0.87 -6.64 -4.34
C VAL A 46 2.36 -6.56 -4.08
N GLU A 47 2.98 -7.69 -3.87
CA GLU A 47 4.42 -7.69 -3.69
C GLU A 47 5.10 -7.44 -5.03
N VAL A 48 6.15 -6.62 -5.00
CA VAL A 48 6.82 -6.18 -6.21
C VAL A 48 7.88 -7.19 -6.58
N GLU A 49 7.77 -7.72 -7.79
CA GLU A 49 8.70 -8.64 -8.41
C GLU A 49 8.84 -8.13 -9.84
N LYS A 50 9.82 -8.64 -10.56
CA LYS A 50 9.95 -8.32 -11.98
C LYS A 50 8.61 -8.52 -12.66
N GLY A 51 8.20 -7.52 -13.46
CA GLY A 51 7.00 -7.62 -14.27
C GLY A 51 5.75 -7.11 -13.59
N VAL A 52 5.80 -6.83 -12.30
CA VAL A 52 4.61 -6.44 -11.57
C VAL A 52 4.22 -5.00 -11.90
N LEU A 53 5.13 -4.05 -11.74
CA LEU A 53 4.74 -2.65 -11.88
C LEU A 53 4.18 -2.36 -13.25
N PRO A 54 4.72 -2.90 -14.35
CA PRO A 54 4.13 -2.58 -15.65
C PRO A 54 2.73 -3.12 -15.82
N GLN A 55 2.30 -4.04 -14.96
CA GLN A 55 0.94 -4.55 -15.01
C GLN A 55 0.01 -3.79 -14.11
N LEU A 56 0.51 -2.80 -13.38
CA LEU A 56 -0.30 -1.95 -12.54
C LEU A 56 -0.33 -0.55 -13.13
N GLU A 57 -1.26 0.26 -12.64
CA GLU A 57 -1.46 1.60 -13.19
C GLU A 57 -0.79 2.68 -12.35
N GLN A 58 -0.09 3.58 -13.00
CA GLN A 58 0.50 4.71 -12.32
C GLN A 58 -0.54 5.80 -12.13
N PRO A 59 -0.33 6.69 -11.17
CA PRO A 59 0.71 6.67 -10.17
C PRO A 59 0.57 5.47 -9.23
N TYR A 60 1.69 4.96 -8.76
CA TYR A 60 1.72 3.87 -7.80
C TYR A 60 1.71 4.40 -6.38
N VAL A 61 1.10 3.64 -5.47
CA VAL A 61 1.23 3.88 -4.04
C VAL A 61 1.98 2.70 -3.45
N PHE A 62 3.14 2.97 -2.89
CA PHE A 62 3.92 1.97 -2.19
C PHE A 62 3.70 2.10 -0.69
N ILE A 63 3.74 0.98 0.01
CA ILE A 63 4.03 1.01 1.43
C ILE A 63 5.49 0.69 1.62
N LYS A 64 6.16 1.52 2.40
CA LYS A 64 7.58 1.41 2.67
C LYS A 64 7.81 1.35 4.15
N ARG A 65 8.83 0.62 4.53
CA ARG A 65 9.18 0.47 5.93
C ARG A 65 9.69 1.78 6.48
N SER A 66 9.03 2.26 7.52
CA SER A 66 9.28 3.59 8.03
C SER A 66 10.12 3.59 9.31
N ASP A 67 10.35 2.44 9.90
CA ASP A 67 10.88 2.39 11.24
C ASP A 67 11.39 0.97 11.47
N ALA A 68 12.34 0.83 12.39
CA ALA A 68 12.93 -0.49 12.65
C ALA A 68 12.85 -0.87 14.13
N ARG A 69 13.88 -1.56 14.62
CA ARG A 69 13.95 -2.01 16.02
C ARG A 69 12.56 -2.47 16.46
N ALA A 71 9.39 -3.43 14.96
CA ALA A 71 8.15 -4.01 14.45
C ALA A 71 7.35 -4.62 15.58
N PRO A 72 6.40 -3.87 16.11
CA PRO A 72 5.65 -4.33 17.28
C PRO A 72 4.64 -5.40 16.91
N HIS A 73 4.68 -6.52 17.65
CA HIS A 73 3.68 -7.60 17.55
C HIS A 73 3.54 -8.14 16.14
N GLY A 74 4.61 -8.05 15.34
CA GLY A 74 4.61 -8.57 13.99
C GLY A 74 4.24 -7.58 12.91
N HIS A 75 3.66 -6.43 13.26
CA HIS A 75 3.24 -5.48 12.26
C HIS A 75 4.42 -4.57 11.91
N VAL A 76 4.86 -4.60 10.67
CA VAL A 76 5.96 -3.74 10.24
C VAL A 76 5.45 -2.32 10.13
N MET A 77 6.23 -1.38 10.69
CA MET A 77 5.79 0.03 10.56
CA MET A 77 5.73 0.06 10.66
C MET A 77 6.00 0.57 9.21
N VAL A 78 4.99 1.15 8.59
CA VAL A 78 5.07 1.58 7.20
C VAL A 78 4.46 2.95 7.03
N GLU A 79 4.84 3.56 5.92
CA GLU A 79 4.21 4.78 5.47
C GLU A 79 4.03 4.72 3.97
N LEU A 80 3.17 5.57 3.46
CA LEU A 80 2.88 5.62 2.05
C LEU A 80 3.82 6.53 1.29
N VAL A 81 4.23 6.09 0.11
CA VAL A 81 5.01 6.89 -0.83
C VAL A 81 4.47 6.64 -2.21
N ALA A 82 4.20 7.70 -2.95
CA ALA A 82 3.68 7.59 -4.30
C ALA A 82 4.78 7.76 -5.33
N GLU A 83 4.55 7.22 -6.51
CA GLU A 83 5.48 7.33 -7.63
C GLU A 83 4.74 7.60 -8.92
N LEU A 84 5.24 8.56 -9.70
CA LEU A 84 4.71 8.83 -11.02
C LEU A 84 5.88 9.23 -11.90
N GLU A 85 6.01 8.55 -13.03
CA GLU A 85 7.00 8.89 -14.05
C GLU A 85 8.39 8.97 -13.43
N GLY A 86 8.68 8.00 -12.56
CA GLY A 86 10.00 7.85 -12.01
C GLY A 86 10.34 8.78 -10.87
N ILE A 87 9.39 9.57 -10.39
CA ILE A 87 9.61 10.50 -9.30
C ILE A 87 8.77 10.05 -8.12
N GLN A 88 9.35 10.09 -6.94
CA GLN A 88 8.72 9.66 -5.71
C GLN A 88 8.38 10.85 -4.84
N TYR A 89 7.28 10.71 -4.16
CA TYR A 89 6.68 11.76 -3.37
C TYR A 89 6.67 11.17 -1.97
N GLY A 90 7.65 11.59 -1.19
CA GLY A 90 8.01 11.03 0.08
C GLY A 90 9.33 10.26 0.02
N ARG A 91 9.94 10.06 1.17
CA ARG A 91 11.10 9.19 1.25
C ARG A 91 10.94 8.30 2.47
N SER A 92 11.34 7.05 2.32
CA SER A 92 11.15 6.08 3.38
C SER A 92 12.09 4.92 3.13
N GLY A 93 11.86 3.82 3.82
CA GLY A 93 12.72 2.66 3.72
C GLY A 93 12.25 1.71 2.64
N GLU A 94 12.49 0.43 2.85
CA GLU A 94 12.29 -0.57 1.82
CA GLU A 94 12.30 -0.55 1.79
C GLU A 94 10.82 -0.81 1.51
N THR A 95 10.52 -1.04 0.23
CA THR A 95 9.16 -1.33 -0.21
C THR A 95 8.65 -2.70 0.25
N LEU A 96 7.46 -2.72 0.85
CA LEU A 96 6.80 -3.98 1.15
C LEU A 96 5.90 -4.40 0.02
N GLY A 97 5.41 -3.44 -0.75
CA GLY A 97 4.61 -3.74 -1.91
C GLY A 97 3.90 -2.49 -2.39
N VAL A 98 3.07 -2.71 -3.39
CA VAL A 98 2.26 -1.67 -3.98
CA VAL A 98 2.24 -1.69 -4.01
C VAL A 98 0.81 -1.91 -3.56
N LEU A 99 0.14 -0.86 -3.14
CA LEU A 99 -1.25 -0.96 -2.71
C LEU A 99 -2.18 -0.82 -3.90
N VAL A 100 -3.26 -1.57 -3.85
CA VAL A 100 -4.31 -1.55 -4.86
C VAL A 100 -5.64 -1.66 -4.16
N PRO A 101 -6.72 -1.20 -4.79
CA PRO A 101 -8.05 -1.51 -4.24
C PRO A 101 -8.21 -3.02 -4.13
N HIS A 102 -8.88 -3.44 -3.05
CA HIS A 102 -9.33 -4.81 -2.90
C HIS A 102 -10.83 -4.84 -3.11
N VAL A 103 -11.27 -5.62 -4.07
CA VAL A 103 -12.68 -5.72 -4.42
C VAL A 103 -13.13 -7.18 -4.34
N GLY A 104 -12.57 -7.97 -3.44
CA GLY A 104 -12.99 -9.33 -3.20
C GLY A 104 -12.11 -10.41 -3.77
N GLU A 105 -10.97 -10.05 -4.36
CA GLU A 105 -10.02 -11.03 -4.84
C GLU A 105 -9.54 -11.91 -3.69
N ILE A 106 -9.24 -13.15 -3.99
CA ILE A 106 -8.76 -14.06 -2.97
C ILE A 106 -7.27 -13.84 -2.80
N PRO A 107 -6.82 -13.56 -1.59
CA PRO A 107 -5.40 -13.30 -1.38
C PRO A 107 -4.62 -14.60 -1.28
N VAL A 108 -3.30 -14.45 -1.35
CA VAL A 108 -2.35 -15.54 -1.18
C VAL A 108 -1.78 -15.55 0.21
N ALA A 109 -1.96 -14.48 0.98
CA ALA A 109 -1.40 -14.29 2.29
C ALA A 109 -1.99 -12.99 2.82
N TYR A 110 -1.74 -12.71 4.09
CA TYR A 110 -2.02 -11.40 4.69
C TYR A 110 -0.72 -10.81 5.20
N ARG A 111 -0.58 -9.50 5.09
CA ARG A 111 0.61 -8.77 5.51
C ARG A 111 0.22 -7.82 6.63
N LYS A 112 0.80 -8.02 7.79
CA LYS A 112 0.51 -7.21 8.97
C LYS A 112 1.36 -5.95 8.94
N VAL A 113 0.73 -4.79 9.06
CA VAL A 113 1.45 -3.54 9.02
C VAL A 113 0.93 -2.63 10.11
N LEU A 114 1.78 -1.72 10.53
CA LEU A 114 1.41 -0.67 11.45
C LEU A 114 1.58 0.60 10.64
N LEU A 115 0.48 1.12 10.15
CA LEU A 115 0.46 2.15 9.14
C LEU A 115 0.44 3.53 9.78
N ARG A 116 1.37 4.37 9.37
CA ARG A 116 1.39 5.75 9.82
C ARG A 116 0.32 6.54 9.08
N LYS A 117 -0.58 7.16 9.83
CA LYS A 117 -1.66 7.97 9.27
C LYS A 117 -1.18 9.41 9.27
N ASN A 118 -0.74 9.88 8.10
CA ASN A 118 -0.11 11.19 7.96
C ASN A 118 -0.82 12.03 6.90
C01 OG3 B . -17.57 0.42 -3.38
C02 OG3 B . -17.39 0.62 -4.90
C04 OG3 B . -15.91 0.84 -5.26
C05 OG3 B . -14.89 -0.20 -5.28
C06 OG3 B . -13.55 0.11 -5.61
C07 OG3 B . -13.20 1.42 -5.93
C09 OG3 B . -14.20 2.44 -5.91
C10 OG3 B . -15.53 2.13 -5.58
N03 OG3 B . -17.97 -0.54 -5.54
CL08 OG3 B . -11.48 1.84 -6.36
H012 OG3 B . -18.55 0.73 -3.11
H011 OG3 B . -16.87 1.02 -2.87
H013 OG3 B . -17.44 -0.59 -3.14
H021 OG3 B . -17.91 1.53 -5.27
H051 OG3 B . -15.16 -1.23 -5.02
H061 OG3 B . -12.79 -0.68 -5.63
H091 OG3 B . -13.93 3.44 -6.17
H101 OG3 B . -16.28 2.94 -5.58
H1 OG3 B . -18.16 -0.33 -6.49
H032 OG3 B . -18.82 -0.74 -5.09
#